data_7OPR
#
_entry.id   7OPR
#
_cell.length_a   61.385
_cell.length_b   76.663
_cell.length_c   118.243
_cell.angle_alpha   90.000
_cell.angle_beta   90.000
_cell.angle_gamma   90.000
#
_symmetry.space_group_name_H-M   'P 21 21 21'
#
loop_
_entity.id
_entity.type
_entity.pdbx_description
1 polymer 'Synaptotagmin-like protein 2,Ras-related protein Rab-27A'
2 non-polymer 'PHOSPHOAMINOPHOSPHONIC ACID-GUANYLATE ESTER'
3 non-polymer 'MAGNESIUM ION'
4 non-polymer GLYCEROL
5 non-polymer ~{N}-[1-(2-pyridin-2-ylethyl)benzimidazol-2-yl]propanamide
6 water water
#
_entity_poly.entity_id   1
_entity_poly.type   'polypeptide(L)'
_entity_poly.pdbx_seq_one_letter_code
;HMSFLTEEEQEAIMKVLQRDAALKRAEEERGSGSGSGMSDGDYDYLIKFLALGDSGVGKTSVLYQYTDGKFNSKFITTVG
IDFREKRVVYRASGPDGATGRGQRIHLQLWDTAGLERFRSLTTAFFRDAMGFLLLFDLTNEQSFLNVRNWISQLQMHAYC
ENPDIVLCGNKSDLEDQRVVKEEEAIALAEKYGIPYFETSAANGTNISQAIEMLLDLIMKRMERSVDKS
;
_entity_poly.pdbx_strand_id   A,B
#
# COMPACT_ATOMS: atom_id res chain seq x y z
N HIS A 1 -16.78 4.73 18.60
CA HIS A 1 -16.10 6.02 18.50
C HIS A 1 -14.60 5.90 18.20
N MET A 2 -14.24 5.15 17.15
CA MET A 2 -12.84 5.06 16.76
C MET A 2 -12.33 6.45 16.41
N SER A 3 -11.25 6.87 17.03
CA SER A 3 -10.80 8.23 16.78
C SER A 3 -9.85 8.30 15.60
N PHE A 4 -9.86 9.46 14.96
CA PHE A 4 -9.00 9.71 13.82
C PHE A 4 -7.58 9.85 14.31
N LEU A 5 -6.64 9.63 13.40
CA LEU A 5 -5.23 9.81 13.71
C LEU A 5 -4.97 11.24 14.17
N THR A 6 -4.27 11.35 15.30
CA THR A 6 -3.76 12.63 15.75
C THR A 6 -2.61 13.01 14.82
N GLU A 7 -2.25 14.30 14.84
CA GLU A 7 -1.16 14.68 13.95
C GLU A 7 0.17 14.07 14.39
N GLU A 8 0.32 13.76 15.68
CA GLU A 8 1.50 13.03 16.12
C GLU A 8 1.50 11.60 15.59
N GLU A 9 0.33 10.96 15.61
CA GLU A 9 0.22 9.63 15.02
C GLU A 9 0.52 9.68 13.53
N GLN A 10 0.05 10.74 12.87
CA GLN A 10 0.20 10.86 11.44
C GLN A 10 1.64 11.19 11.08
N GLU A 11 2.32 12.00 11.89
CA GLU A 11 3.73 12.24 11.67
C GLU A 11 4.51 10.93 11.75
N ALA A 12 4.22 10.12 12.76
CA ALA A 12 4.94 8.85 12.91
C ALA A 12 4.70 7.93 11.73
N ILE A 13 3.46 7.88 11.21
CA ILE A 13 3.18 6.99 10.09
C ILE A 13 3.85 7.50 8.81
N MET A 14 3.78 8.82 8.57
CA MET A 14 4.42 9.39 7.38
C MET A 14 5.92 9.11 7.38
N LYS A 15 6.53 9.07 8.56
CA LYS A 15 7.95 8.77 8.63
C LYS A 15 8.25 7.31 8.30
N VAL A 16 7.34 6.39 8.66
CA VAL A 16 7.49 5.00 8.22
C VAL A 16 7.41 4.92 6.70
N LEU A 17 6.45 5.64 6.11
CA LEU A 17 6.31 5.64 4.65
C LEU A 17 7.53 6.25 3.98
N GLN A 18 8.07 7.32 4.57
CA GLN A 18 9.29 7.91 4.07
C GLN A 18 10.44 6.90 4.10
N ARG A 19 10.59 6.17 5.21
CA ARG A 19 11.64 5.16 5.27
C ARG A 19 11.43 4.06 4.24
N ASP A 20 10.18 3.65 4.03
CA ASP A 20 9.89 2.58 3.06
C ASP A 20 10.23 3.01 1.64
N ALA A 21 9.96 4.27 1.30
CA ALA A 21 10.27 4.75 -0.03
C ALA A 21 11.77 4.79 -0.28
N ALA A 22 12.55 5.32 0.68
CA ALA A 22 14.01 5.24 0.57
C ALA A 22 14.46 3.81 0.34
N LEU A 23 13.85 2.87 1.05
CA LEU A 23 14.21 1.46 0.91
C LEU A 23 13.86 0.94 -0.48
N LYS A 24 12.65 1.21 -0.96
CA LYS A 24 12.27 0.71 -2.27
C LYS A 24 13.06 1.39 -3.40
N ARG A 25 13.41 2.67 -3.23
CA ARG A 25 14.17 3.35 -4.27
C ARG A 25 15.59 2.79 -4.35
N ALA A 26 16.20 2.49 -3.20
CA ALA A 26 17.48 1.80 -3.20
C ALA A 26 17.37 0.44 -3.87
N GLU A 27 16.22 -0.24 -3.70
CA GLU A 27 16.02 -1.51 -4.38
C GLU A 27 15.68 -1.34 -5.85
N GLU A 28 15.02 -0.24 -6.22
CA GLU A 28 14.73 0.00 -7.64
C GLU A 28 16.02 0.21 -8.42
N GLU A 29 16.98 0.93 -7.84
CA GLU A 29 18.24 1.23 -8.51
C GLU A 29 19.15 0.00 -8.47
N ARG A 30 18.63 -1.11 -9.00
CA ARG A 30 19.34 -2.38 -9.11
C ARG A 30 19.81 -2.89 -7.76
N GLY A 31 19.04 -2.60 -6.70
CA GLY A 31 19.42 -2.99 -5.35
C GLY A 31 19.53 -4.50 -5.16
N SER A 32 18.72 -5.26 -5.89
CA SER A 32 18.75 -6.72 -5.80
C SER A 32 19.46 -7.33 -7.02
N ASP A 40 30.32 -1.87 0.91
CA ASP A 40 29.06 -1.87 0.17
C ASP A 40 28.22 -3.11 0.52
N GLY A 41 27.11 -2.89 1.22
CA GLY A 41 26.20 -3.98 1.55
C GLY A 41 24.96 -4.02 0.68
N ASP A 42 24.93 -4.94 -0.29
CA ASP A 42 23.77 -5.17 -1.14
C ASP A 42 23.41 -6.65 -1.10
N TYR A 43 22.41 -7.03 -1.91
CA TYR A 43 21.73 -8.30 -1.73
C TYR A 43 21.21 -8.82 -3.07
N ASP A 44 20.55 -9.97 -3.02
CA ASP A 44 20.02 -10.61 -4.22
C ASP A 44 18.50 -10.49 -4.35
N TYR A 45 17.77 -10.38 -3.25
CA TYR A 45 16.33 -10.14 -3.31
C TYR A 45 15.89 -9.34 -2.11
N LEU A 46 14.98 -8.38 -2.33
CA LEU A 46 14.22 -7.78 -1.24
C LEU A 46 12.99 -8.64 -1.01
N ILE A 47 12.95 -9.36 0.11
CA ILE A 47 11.80 -10.17 0.49
C ILE A 47 11.02 -9.42 1.54
N LYS A 48 9.69 -9.34 1.37
CA LYS A 48 8.80 -8.61 2.26
C LYS A 48 7.75 -9.54 2.84
N PHE A 49 7.52 -9.46 4.14
CA PHE A 49 6.29 -10.04 4.67
C PHE A 49 5.76 -9.18 5.79
N LEU A 50 4.64 -9.61 6.34
CA LEU A 50 3.80 -8.74 7.14
C LEU A 50 3.26 -9.52 8.32
N ALA A 51 3.38 -8.96 9.50
CA ALA A 51 2.85 -9.60 10.71
C ALA A 51 1.51 -9.00 11.07
N LEU A 52 0.52 -9.86 11.36
CA LEU A 52 -0.81 -9.38 11.71
C LEU A 52 -1.44 -10.32 12.73
N GLY A 53 -2.56 -9.86 13.31
CA GLY A 53 -3.19 -10.51 14.44
C GLY A 53 -3.67 -9.47 15.43
N ASP A 54 -4.45 -9.90 16.42
CA ASP A 54 -5.05 -8.97 17.38
C ASP A 54 -4.00 -8.16 18.12
N SER A 55 -4.42 -6.99 18.60
CA SER A 55 -3.54 -6.18 19.39
C SER A 55 -3.16 -6.90 20.69
N GLY A 56 -1.92 -6.77 21.10
CA GLY A 56 -1.46 -7.39 22.31
C GLY A 56 -0.95 -8.80 22.20
N VAL A 57 -1.02 -9.41 21.00
CA VAL A 57 -0.58 -10.80 20.89
C VAL A 57 0.95 -10.95 20.83
N GLY A 58 1.69 -9.90 20.47
CA GLY A 58 3.15 -9.94 20.48
C GLY A 58 3.81 -9.78 19.12
N LYS A 59 3.16 -9.09 18.18
CA LYS A 59 3.71 -8.96 16.83
C LYS A 59 4.97 -8.12 16.84
N THR A 60 4.91 -6.95 17.47
CA THR A 60 6.09 -6.11 17.58
C THR A 60 7.23 -6.81 18.32
N SER A 61 6.93 -7.52 19.42
CA SER A 61 7.98 -8.21 20.18
C SER A 61 8.61 -9.34 19.37
N VAL A 62 7.81 -10.10 18.62
CA VAL A 62 8.35 -11.21 17.85
C VAL A 62 9.34 -10.70 16.81
N LEU A 63 9.00 -9.61 16.12
CA LEU A 63 9.90 -9.16 15.06
C LEU A 63 11.18 -8.58 15.68
N TYR A 64 11.05 -7.89 16.81
CA TYR A 64 12.19 -7.33 17.52
C TYR A 64 13.10 -8.41 18.08
N GLN A 65 12.54 -9.48 18.61
CA GLN A 65 13.36 -10.60 19.07
C GLN A 65 14.13 -11.18 17.90
N TYR A 66 13.49 -11.26 16.74
CA TYR A 66 14.15 -11.85 15.58
C TYR A 66 15.28 -10.97 15.05
N THR A 67 15.07 -9.66 14.98
CA THR A 67 16.10 -8.80 14.38
C THR A 67 17.20 -8.46 15.39
N ASP A 68 16.86 -8.22 16.65
CA ASP A 68 17.81 -7.70 17.64
C ASP A 68 18.08 -8.63 18.83
N GLY A 69 17.36 -9.73 18.97
CA GLY A 69 17.59 -10.61 20.11
C GLY A 69 17.25 -10.00 21.45
N LYS A 70 16.34 -9.03 21.48
CA LYS A 70 15.98 -8.33 22.71
C LYS A 70 14.46 -8.34 22.91
N PHE A 71 14.04 -8.04 24.13
CA PHE A 71 12.62 -8.07 24.49
C PHE A 71 12.33 -7.02 25.54
N ASN A 72 11.23 -6.28 25.36
N ASN A 72 11.24 -6.28 25.37
CA ASN A 72 10.78 -5.29 26.34
CA ASN A 72 10.78 -5.29 26.34
C ASN A 72 9.47 -5.72 26.96
C ASN A 72 9.47 -5.74 26.97
N SER A 73 9.44 -5.74 28.30
CA SER A 73 8.24 -6.15 29.02
C SER A 73 7.09 -5.17 28.82
N LYS A 74 7.42 -3.90 28.57
CA LYS A 74 6.42 -2.85 28.56
C LYS A 74 5.64 -2.87 27.23
N PHE A 75 4.32 -2.73 27.32
CA PHE A 75 3.44 -2.77 26.13
C PHE A 75 3.44 -1.39 25.49
N ILE A 76 4.07 -1.26 24.32
CA ILE A 76 3.97 -0.04 23.51
C ILE A 76 3.22 -0.35 22.23
N THR A 77 1.90 -0.14 22.26
CA THR A 77 1.04 -0.45 21.12
C THR A 77 1.51 0.29 19.86
N THR A 78 1.43 -0.38 18.71
CA THR A 78 2.01 0.14 17.48
C THR A 78 1.13 1.22 16.85
N VAL A 79 1.74 2.35 16.49
CA VAL A 79 0.97 3.45 15.92
C VAL A 79 0.70 3.19 14.45
N GLY A 80 -0.27 2.33 14.17
CA GLY A 80 -0.67 1.99 12.82
C GLY A 80 0.21 0.99 12.11
N ILE A 81 1.39 1.42 11.66
CA ILE A 81 2.24 0.58 10.84
C ILE A 81 3.70 0.91 11.18
N ASP A 82 4.56 -0.09 11.07
CA ASP A 82 6.00 0.09 11.10
C ASP A 82 6.61 -1.10 10.36
N PHE A 83 7.93 -1.09 10.25
CA PHE A 83 8.63 -2.26 9.77
C PHE A 83 10.04 -2.31 10.36
N ARG A 84 10.55 -3.53 10.47
CA ARG A 84 11.96 -3.77 10.77
C ARG A 84 12.61 -4.44 9.56
N GLU A 85 13.94 -4.52 9.62
CA GLU A 85 14.76 -5.08 8.55
C GLU A 85 15.77 -6.07 9.12
N LYS A 86 16.18 -7.03 8.29
CA LYS A 86 17.24 -7.97 8.64
C LYS A 86 17.91 -8.50 7.38
N ARG A 87 19.24 -8.47 7.35
N ARG A 87 19.24 -8.41 7.32
CA ARG A 87 20.00 -9.12 6.29
CA ARG A 87 20.01 -9.13 6.33
C ARG A 87 20.33 -10.55 6.73
C ARG A 87 20.21 -10.57 6.80
N VAL A 88 19.88 -11.53 5.94
CA VAL A 88 20.08 -12.94 6.24
C VAL A 88 20.57 -13.66 5.00
N VAL A 89 20.94 -14.92 5.20
CA VAL A 89 21.44 -15.76 4.14
C VAL A 89 20.51 -16.96 4.01
N TYR A 90 19.90 -17.09 2.86
CA TYR A 90 18.93 -18.15 2.61
C TYR A 90 19.58 -19.19 1.72
N ARG A 91 19.30 -20.45 1.99
CA ARG A 91 19.84 -21.56 1.21
C ARG A 91 18.70 -22.51 0.90
N ALA A 92 18.46 -22.73 -0.39
CA ALA A 92 17.37 -23.59 -0.82
C ALA A 92 17.59 -25.01 -0.34
N SER A 93 16.50 -25.75 -0.21
N SER A 93 16.50 -25.76 -0.19
CA SER A 93 16.50 -27.12 0.28
CA SER A 93 16.58 -27.11 0.31
C SER A 93 16.47 -28.12 -0.87
C SER A 93 16.42 -28.13 -0.81
N GLY A 94 17.06 -29.29 -0.62
CA GLY A 94 17.03 -30.36 -1.58
C GLY A 94 17.01 -31.70 -0.87
N PRO A 95 17.39 -32.78 -1.59
N PRO A 95 17.40 -32.77 -1.57
CA PRO A 95 17.38 -34.11 -0.98
CA PRO A 95 17.37 -34.11 -0.97
C PRO A 95 18.45 -34.31 0.08
C PRO A 95 18.45 -34.31 0.08
N ASP A 96 19.03 -33.20 0.59
CA ASP A 96 20.08 -33.31 1.60
C ASP A 96 20.06 -32.14 2.59
N GLY A 97 18.89 -31.54 2.82
CA GLY A 97 18.79 -30.41 3.72
C GLY A 97 18.99 -29.10 3.00
N ALA A 98 19.52 -28.08 3.70
CA ALA A 98 19.83 -26.78 3.11
C ALA A 98 21.11 -26.92 2.28
N THR A 99 20.95 -27.44 1.07
CA THR A 99 22.04 -27.83 0.19
C THR A 99 22.59 -26.66 -0.64
N GLY A 100 21.71 -25.83 -1.19
CA GLY A 100 22.08 -24.90 -2.24
C GLY A 100 22.97 -23.76 -1.77
N ARG A 101 23.31 -22.91 -2.74
CA ARG A 101 24.19 -21.78 -2.49
C ARG A 101 23.50 -20.73 -1.61
N GLY A 102 24.32 -19.95 -0.90
CA GLY A 102 23.77 -18.94 -0.01
C GLY A 102 23.36 -17.72 -0.81
N GLN A 103 22.12 -17.27 -0.60
CA GLN A 103 21.59 -16.09 -1.25
C GLN A 103 21.46 -14.96 -0.24
N ARG A 104 21.78 -13.75 -0.67
CA ARG A 104 21.70 -12.57 0.19
C ARG A 104 20.28 -12.02 0.15
N ILE A 105 19.60 -12.08 1.29
CA ILE A 105 18.20 -11.70 1.39
C ILE A 105 18.12 -10.50 2.31
N HIS A 106 17.53 -9.41 1.81
CA HIS A 106 17.15 -8.27 2.63
C HIS A 106 15.67 -8.44 3.00
N LEU A 107 15.40 -8.66 4.27
CA LEU A 107 14.04 -8.82 4.74
C LEU A 107 13.45 -7.48 5.15
N GLN A 108 12.27 -7.15 4.62
CA GLN A 108 11.48 -6.06 5.17
C GLN A 108 10.31 -6.69 5.91
N LEU A 109 10.23 -6.45 7.21
CA LEU A 109 9.24 -7.12 8.06
C LEU A 109 8.21 -6.10 8.51
N TRP A 110 7.10 -6.03 7.77
CA TRP A 110 6.05 -5.08 8.12
C TRP A 110 5.38 -5.49 9.43
N ASP A 111 5.06 -4.51 10.25
CA ASP A 111 4.47 -4.74 11.57
C ASP A 111 3.18 -3.91 11.63
N THR A 112 2.03 -4.56 11.66
CA THR A 112 0.76 -3.82 11.65
C THR A 112 0.21 -3.72 13.06
N ALA A 113 -0.46 -2.61 13.33
CA ALA A 113 -1.25 -2.50 14.55
C ALA A 113 -2.48 -3.41 14.45
N GLY A 114 -2.83 -4.03 15.56
CA GLY A 114 -3.95 -4.96 15.57
C GLY A 114 -5.31 -4.37 15.85
N LEU A 115 -5.37 -3.16 16.41
CA LEU A 115 -6.66 -2.58 16.80
C LEU A 115 -7.48 -2.19 15.56
N GLU A 116 -8.80 -2.41 15.66
CA GLU A 116 -9.70 -2.17 14.54
C GLU A 116 -9.55 -0.77 13.96
N ARG A 117 -9.28 0.22 14.83
CA ARG A 117 -9.14 1.61 14.41
C ARG A 117 -8.12 1.81 13.29
N PHE A 118 -7.20 0.88 13.09
CA PHE A 118 -6.17 0.96 12.05
C PHE A 118 -6.42 -0.01 10.90
N ARG A 119 -7.55 -0.70 10.91
CA ARG A 119 -7.78 -1.82 9.99
C ARG A 119 -7.59 -1.42 8.54
N SER A 120 -8.10 -0.25 8.14
CA SER A 120 -8.02 0.07 6.71
C SER A 120 -6.64 0.57 6.35
N LEU A 121 -6.00 1.32 7.24
CA LEU A 121 -4.61 1.70 7.01
C LEU A 121 -3.72 0.47 6.85
N THR A 122 -3.81 -0.50 7.76
CA THR A 122 -2.91 -1.65 7.68
C THR A 122 -3.22 -2.53 6.48
N THR A 123 -4.51 -2.71 6.15
CA THR A 123 -4.86 -3.57 5.01
C THR A 123 -4.26 -3.04 3.71
N ALA A 124 -4.08 -1.73 3.60
CA ALA A 124 -3.44 -1.15 2.43
C ALA A 124 -2.02 -1.66 2.22
N PHE A 125 -1.40 -2.24 3.23
CA PHE A 125 -0.03 -2.71 3.04
C PHE A 125 0.05 -4.19 2.65
N PHE A 126 -1.08 -4.90 2.64
CA PHE A 126 -1.08 -6.28 2.14
C PHE A 126 -0.53 -6.37 0.73
N ARG A 127 -0.72 -5.31 -0.08
N ARG A 127 -0.72 -5.32 -0.08
CA ARG A 127 -0.22 -5.28 -1.44
CA ARG A 127 -0.21 -5.33 -1.45
C ARG A 127 1.29 -5.42 -1.51
C ARG A 127 1.31 -5.45 -1.51
N ASP A 128 1.99 -5.00 -0.45
CA ASP A 128 3.44 -5.07 -0.41
C ASP A 128 3.95 -6.40 0.14
N ALA A 129 3.09 -7.20 0.76
CA ALA A 129 3.56 -8.40 1.44
C ALA A 129 3.59 -9.60 0.50
N MET A 130 4.69 -10.37 0.56
CA MET A 130 4.80 -11.62 -0.18
C MET A 130 4.40 -12.82 0.65
N GLY A 131 4.20 -12.63 1.95
CA GLY A 131 3.82 -13.68 2.86
C GLY A 131 3.35 -13.04 4.15
N PHE A 132 2.73 -13.87 5.00
CA PHE A 132 2.11 -13.34 6.21
C PHE A 132 2.47 -14.16 7.42
N LEU A 133 2.78 -13.47 8.50
CA LEU A 133 3.03 -14.08 9.79
C LEU A 133 1.84 -13.76 10.65
N LEU A 134 1.01 -14.76 10.93
CA LEU A 134 -0.25 -14.55 11.62
C LEU A 134 -0.11 -15.02 13.06
N LEU A 135 -0.42 -14.16 14.01
CA LEU A 135 -0.20 -14.44 15.42
C LEU A 135 -1.49 -14.46 16.19
N PHE A 136 -1.58 -15.37 17.15
CA PHE A 136 -2.50 -15.24 18.27
C PHE A 136 -1.70 -15.43 19.55
N ASP A 137 -2.36 -15.26 20.69
CA ASP A 137 -1.77 -15.29 22.01
C ASP A 137 -2.26 -16.55 22.74
N LEU A 138 -1.33 -17.46 23.06
CA LEU A 138 -1.67 -18.69 23.76
C LEU A 138 -2.38 -18.44 25.10
N THR A 139 -2.29 -17.23 25.64
CA THR A 139 -2.98 -16.92 26.89
C THR A 139 -4.30 -16.18 26.66
N ASN A 140 -4.71 -16.00 25.40
CA ASN A 140 -5.91 -15.23 25.06
C ASN A 140 -6.77 -16.04 24.07
N GLU A 141 -7.82 -16.69 24.58
CA GLU A 141 -8.62 -17.55 23.71
C GLU A 141 -9.33 -16.74 22.62
N GLN A 142 -9.82 -15.55 22.96
CA GLN A 142 -10.44 -14.70 21.93
C GLN A 142 -9.51 -14.45 20.75
N SER A 143 -8.20 -14.27 21.01
CA SER A 143 -7.30 -13.96 19.92
C SER A 143 -7.07 -15.18 19.04
N PHE A 144 -7.21 -16.37 19.63
CA PHE A 144 -7.13 -17.59 18.85
C PHE A 144 -8.40 -17.79 18.03
N LEU A 145 -9.57 -17.49 18.63
CA LEU A 145 -10.81 -17.65 17.90
C LEU A 145 -10.88 -16.72 16.69
N ASN A 146 -10.29 -15.53 16.78
CA ASN A 146 -10.33 -14.60 15.66
C ASN A 146 -9.44 -15.02 14.50
N VAL A 147 -8.66 -16.10 14.66
CA VAL A 147 -7.71 -16.49 13.62
C VAL A 147 -8.43 -16.80 12.31
N ARG A 148 -9.60 -17.44 12.37
CA ARG A 148 -10.32 -17.75 11.12
C ARG A 148 -10.71 -16.46 10.40
N ASN A 149 -11.22 -15.47 11.13
CA ASN A 149 -11.53 -14.17 10.53
C ASN A 149 -10.29 -13.57 9.87
N TRP A 150 -9.14 -13.59 10.58
CA TRP A 150 -7.93 -13.04 9.99
C TRP A 150 -7.58 -13.78 8.70
N ILE A 151 -7.71 -15.10 8.67
CA ILE A 151 -7.36 -15.85 7.47
C ILE A 151 -8.31 -15.47 6.33
N SER A 152 -9.58 -15.26 6.62
CA SER A 152 -10.55 -14.86 5.61
C SER A 152 -10.17 -13.49 5.05
N GLN A 153 -9.83 -12.56 5.94
CA GLN A 153 -9.35 -11.25 5.53
C GLN A 153 -8.15 -11.37 4.61
N LEU A 154 -7.25 -12.31 4.91
CA LEU A 154 -6.05 -12.47 4.09
C LEU A 154 -6.41 -12.98 2.70
N GLN A 155 -7.33 -13.95 2.61
N GLN A 155 -7.38 -13.90 2.61
CA GLN A 155 -7.77 -14.43 1.30
CA GLN A 155 -7.76 -14.45 1.30
C GLN A 155 -8.39 -13.30 0.49
C GLN A 155 -8.56 -13.45 0.46
N MET A 156 -9.32 -12.55 1.10
CA MET A 156 -10.00 -11.47 0.38
C MET A 156 -9.05 -10.34 0.01
N HIS A 157 -7.97 -10.11 0.78
CA HIS A 157 -7.19 -8.90 0.59
C HIS A 157 -5.76 -9.13 0.16
N ALA A 158 -5.27 -10.36 0.11
CA ALA A 158 -3.92 -10.50 -0.37
C ALA A 158 -3.91 -10.31 -1.89
N TYR A 159 -2.72 -10.12 -2.45
CA TYR A 159 -2.61 -9.79 -3.85
C TYR A 159 -2.04 -10.94 -4.67
N CYS A 160 -2.32 -12.21 -4.10
CA CYS A 160 -2.45 -13.46 -4.84
C CYS A 160 -3.40 -14.37 -4.10
N GLU A 161 -3.56 -15.62 -4.78
CA GLU A 161 -4.87 -16.16 -4.47
C GLU A 161 -4.83 -17.04 -3.22
N ASN A 162 -3.72 -17.75 -3.04
CA ASN A 162 -3.53 -18.64 -1.88
C ASN A 162 -2.28 -18.17 -1.18
N PRO A 163 -2.36 -17.09 -0.40
CA PRO A 163 -1.14 -16.46 0.11
C PRO A 163 -0.44 -17.33 1.14
N ASP A 164 0.88 -17.27 1.13
CA ASP A 164 1.68 -17.99 2.12
C ASP A 164 1.52 -17.39 3.51
N ILE A 165 1.17 -18.25 4.47
CA ILE A 165 0.93 -17.88 5.86
C ILE A 165 1.66 -18.86 6.77
N VAL A 166 2.27 -18.33 7.85
CA VAL A 166 2.73 -19.16 8.96
C VAL A 166 1.97 -18.71 10.19
N LEU A 167 1.36 -19.66 10.88
CA LEU A 167 0.60 -19.35 12.09
C LEU A 167 1.50 -19.49 13.31
N CYS A 168 1.41 -18.52 14.23
CA CYS A 168 2.22 -18.53 15.45
C CYS A 168 1.33 -18.39 16.67
N GLY A 169 1.41 -19.36 17.57
CA GLY A 169 0.84 -19.16 18.88
C GLY A 169 1.94 -18.66 19.78
N ASN A 170 1.88 -17.38 20.14
CA ASN A 170 2.98 -16.72 20.81
C ASN A 170 2.74 -16.69 22.31
N LYS A 171 3.81 -16.32 23.04
CA LYS A 171 3.83 -16.29 24.51
C LYS A 171 3.83 -17.70 25.12
N SER A 172 4.54 -18.63 24.48
CA SER A 172 4.64 -19.99 25.01
C SER A 172 5.37 -20.06 26.35
N ASP A 173 6.13 -19.01 26.72
CA ASP A 173 6.81 -19.00 28.01
C ASP A 173 5.86 -18.78 29.18
N LEU A 174 4.64 -18.32 28.92
CA LEU A 174 3.70 -18.03 30.00
C LEU A 174 2.83 -19.26 30.25
N GLU A 175 3.48 -20.31 30.74
CA GLU A 175 2.81 -21.61 30.76
C GLU A 175 1.70 -21.64 31.80
N ASP A 176 1.82 -20.88 32.88
CA ASP A 176 0.76 -20.85 33.87
C ASP A 176 -0.49 -20.21 33.32
N GLN A 177 -0.34 -19.23 32.41
CA GLN A 177 -1.44 -18.48 31.85
C GLN A 177 -1.96 -19.04 30.54
N ARG A 178 -1.40 -20.14 30.04
CA ARG A 178 -1.90 -20.72 28.81
C ARG A 178 -3.38 -21.10 28.95
N VAL A 179 -4.19 -20.73 27.96
CA VAL A 179 -5.57 -21.21 27.87
C VAL A 179 -5.92 -21.85 26.54
N VAL A 180 -5.12 -21.69 25.50
CA VAL A 180 -5.43 -22.23 24.19
C VAL A 180 -4.89 -23.64 24.13
N LYS A 181 -5.74 -24.58 23.74
CA LYS A 181 -5.32 -25.97 23.78
C LYS A 181 -4.59 -26.33 22.50
N GLU A 182 -3.48 -27.04 22.67
CA GLU A 182 -2.59 -27.32 21.55
C GLU A 182 -3.30 -28.01 20.41
N GLU A 183 -4.20 -28.95 20.74
CA GLU A 183 -4.83 -29.75 19.69
C GLU A 183 -5.77 -28.91 18.85
N GLU A 184 -6.50 -28.00 19.48
CA GLU A 184 -7.38 -27.12 18.70
C GLU A 184 -6.59 -26.26 17.71
N ALA A 185 -5.44 -25.72 18.16
CA ALA A 185 -4.62 -24.89 17.26
C ALA A 185 -4.00 -25.73 16.15
N ILE A 186 -3.45 -26.89 16.49
CA ILE A 186 -2.86 -27.77 15.50
C ILE A 186 -3.92 -28.21 14.49
N ALA A 187 -5.13 -28.49 14.98
CA ALA A 187 -6.22 -28.85 14.09
C ALA A 187 -6.54 -27.70 13.14
N LEU A 188 -6.60 -26.47 13.67
CA LEU A 188 -6.93 -25.31 12.84
C LEU A 188 -5.90 -25.13 11.73
N ALA A 189 -4.60 -25.17 12.07
CA ALA A 189 -3.57 -25.03 11.05
C ALA A 189 -3.63 -26.19 10.07
N GLU A 190 -3.92 -27.40 10.55
CA GLU A 190 -4.07 -28.54 9.66
C GLU A 190 -5.21 -28.32 8.67
N LYS A 191 -6.36 -27.85 9.17
CA LYS A 191 -7.52 -27.56 8.35
C LYS A 191 -7.24 -26.55 7.25
N TYR A 192 -6.34 -25.59 7.49
CA TYR A 192 -6.04 -24.58 6.48
C TYR A 192 -4.75 -24.87 5.72
N GLY A 193 -4.01 -25.91 6.08
CA GLY A 193 -2.75 -26.23 5.42
C GLY A 193 -1.60 -25.28 5.66
N ILE A 194 -1.59 -24.57 6.79
CA ILE A 194 -0.53 -23.60 7.07
C ILE A 194 0.38 -24.16 8.16
N PRO A 195 1.69 -23.92 8.07
CA PRO A 195 2.58 -24.32 9.17
C PRO A 195 2.22 -23.60 10.47
N TYR A 196 2.42 -24.30 11.59
CA TYR A 196 2.14 -23.78 12.92
C TYR A 196 3.37 -23.92 13.81
N PHE A 197 3.67 -22.85 14.56
CA PHE A 197 4.72 -22.85 15.57
C PHE A 197 4.21 -22.21 16.83
N GLU A 198 4.54 -22.79 17.98
CA GLU A 198 4.37 -22.10 19.25
C GLU A 198 5.66 -21.34 19.52
N THR A 199 5.55 -20.04 19.75
CA THR A 199 6.72 -19.17 19.84
C THR A 199 6.73 -18.42 21.15
N SER A 200 7.89 -17.86 21.47
CA SER A 200 8.04 -16.94 22.59
C SER A 200 8.90 -15.78 22.12
N ALA A 201 8.32 -14.58 22.10
CA ALA A 201 9.15 -13.41 21.87
C ALA A 201 10.08 -13.13 23.03
N ALA A 202 9.75 -13.61 24.23
CA ALA A 202 10.57 -13.30 25.41
C ALA A 202 11.91 -14.03 25.36
N ASN A 203 11.91 -15.32 25.01
CA ASN A 203 13.13 -16.12 25.03
C ASN A 203 13.57 -16.59 23.65
N GLY A 204 12.85 -16.22 22.60
CA GLY A 204 13.28 -16.52 21.25
C GLY A 204 12.88 -17.89 20.70
N THR A 205 12.20 -18.73 21.49
CA THR A 205 11.87 -20.09 21.04
C THR A 205 11.03 -20.05 19.76
N ASN A 206 11.50 -20.74 18.71
CA ASN A 206 10.83 -20.95 17.42
C ASN A 206 10.62 -19.68 16.61
N ILE A 207 11.08 -18.54 17.12
CA ILE A 207 10.96 -17.29 16.37
C ILE A 207 11.62 -17.44 15.00
N SER A 208 12.93 -17.74 15.00
CA SER A 208 13.66 -17.82 13.73
C SER A 208 13.18 -18.97 12.87
N GLN A 209 12.78 -20.10 13.47
CA GLN A 209 12.25 -21.22 12.69
C GLN A 209 10.96 -20.83 11.96
N ALA A 210 10.06 -20.12 12.64
CA ALA A 210 8.80 -19.73 12.01
C ALA A 210 9.03 -18.78 10.85
N ILE A 211 9.92 -17.81 11.05
CA ILE A 211 10.21 -16.83 10.01
C ILE A 211 10.99 -17.47 8.87
N GLU A 212 11.85 -18.44 9.19
CA GLU A 212 12.59 -19.11 8.12
C GLU A 212 11.69 -20.02 7.29
N MET A 213 10.70 -20.65 7.93
CA MET A 213 9.72 -21.41 7.16
C MET A 213 8.94 -20.49 6.21
N LEU A 214 8.48 -19.34 6.70
CA LEU A 214 7.79 -18.41 5.81
C LEU A 214 8.71 -17.99 4.67
N LEU A 215 9.98 -17.72 4.97
CA LEU A 215 10.94 -17.35 3.93
C LEU A 215 11.13 -18.46 2.93
N ASP A 216 11.24 -19.70 3.42
CA ASP A 216 11.40 -20.83 2.51
C ASP A 216 10.20 -20.97 1.59
N LEU A 217 8.99 -20.82 2.14
CA LEU A 217 7.77 -20.93 1.35
C LEU A 217 7.77 -19.89 0.23
N ILE A 218 8.24 -18.68 0.54
CA ILE A 218 8.19 -17.61 -0.45
C ILE A 218 9.26 -17.80 -1.51
N MET A 219 10.45 -18.24 -1.10
CA MET A 219 11.49 -18.56 -2.06
C MET A 219 11.05 -19.73 -2.95
N LYS A 220 10.48 -20.78 -2.33
CA LYS A 220 10.06 -21.93 -3.13
C LYS A 220 9.00 -21.53 -4.14
N ARG A 221 8.03 -20.71 -3.71
CA ARG A 221 7.01 -20.24 -4.66
C ARG A 221 7.65 -19.43 -5.78
N MET A 222 8.66 -18.63 -5.44
CA MET A 222 9.28 -17.77 -6.43
C MET A 222 10.10 -18.56 -7.45
N GLU A 223 10.69 -19.68 -7.04
CA GLU A 223 11.40 -20.51 -8.01
C GLU A 223 10.45 -21.31 -8.89
N ARG A 224 9.17 -21.36 -8.57
CA ARG A 224 8.18 -21.94 -9.46
C ARG A 224 7.77 -20.96 -10.55
N SER A 225 8.74 -20.34 -11.21
CA SER A 225 8.44 -19.35 -12.25
C SER A 225 9.59 -19.25 -13.25
N HIS B 1 -12.88 19.82 18.46
CA HIS B 1 -13.09 18.74 19.41
C HIS B 1 -12.65 17.40 18.84
N MET B 2 -12.79 16.34 19.63
CA MET B 2 -12.53 14.98 19.16
C MET B 2 -13.50 14.58 18.05
N SER B 3 -12.98 14.15 16.91
CA SER B 3 -13.81 13.58 15.86
C SER B 3 -13.34 12.16 15.55
N PHE B 4 -14.24 11.36 14.99
CA PHE B 4 -14.03 9.92 14.88
C PHE B 4 -14.16 9.38 13.46
N LEU B 5 -13.42 8.30 13.20
CA LEU B 5 -13.61 7.46 12.03
C LEU B 5 -14.86 6.60 12.23
N THR B 6 -15.86 6.76 11.38
CA THR B 6 -17.04 5.91 11.47
C THR B 6 -16.76 4.53 10.87
N GLU B 7 -17.60 3.57 11.28
CA GLU B 7 -17.48 2.22 10.74
C GLU B 7 -17.89 2.18 9.27
N GLU B 8 -18.76 3.10 8.84
CA GLU B 8 -19.12 3.21 7.43
C GLU B 8 -17.97 3.76 6.60
N GLU B 9 -17.22 4.73 7.14
CA GLU B 9 -16.03 5.19 6.44
C GLU B 9 -15.03 4.05 6.24
N GLN B 10 -14.84 3.21 7.26
CA GLN B 10 -13.82 2.19 7.16
C GLN B 10 -14.28 1.06 6.25
N GLU B 11 -15.58 0.74 6.30
CA GLU B 11 -16.18 -0.25 5.39
C GLU B 11 -16.01 0.16 3.93
N ALA B 12 -16.27 1.44 3.62
CA ALA B 12 -16.11 1.89 2.24
C ALA B 12 -14.65 1.75 1.80
N ILE B 13 -13.72 2.10 2.68
CA ILE B 13 -12.31 1.99 2.30
C ILE B 13 -11.93 0.54 2.10
N MET B 14 -12.41 -0.36 2.97
CA MET B 14 -12.08 -1.78 2.83
C MET B 14 -12.64 -2.36 1.53
N LYS B 15 -13.78 -1.86 1.06
CA LYS B 15 -14.35 -2.34 -0.19
C LYS B 15 -13.50 -1.90 -1.40
N VAL B 16 -12.93 -0.71 -1.34
CA VAL B 16 -12.01 -0.29 -2.38
C VAL B 16 -10.79 -1.20 -2.41
N LEU B 17 -10.25 -1.52 -1.23
CA LEU B 17 -9.07 -2.38 -1.13
C LEU B 17 -9.39 -3.79 -1.62
N GLN B 18 -10.58 -4.29 -1.28
CA GLN B 18 -11.02 -5.57 -1.80
C GLN B 18 -11.12 -5.53 -3.33
N ARG B 19 -11.72 -4.47 -3.89
CA ARG B 19 -11.81 -4.37 -5.34
C ARG B 19 -10.41 -4.29 -5.94
N ASP B 20 -9.51 -3.54 -5.31
CA ASP B 20 -8.17 -3.43 -5.88
C ASP B 20 -7.44 -4.77 -5.85
N ALA B 21 -7.62 -5.57 -4.80
CA ALA B 21 -6.93 -6.85 -4.72
C ALA B 21 -7.47 -7.79 -5.80
N ALA B 22 -8.80 -7.87 -5.92
CA ALA B 22 -9.43 -8.63 -6.99
C ALA B 22 -8.90 -8.23 -8.37
N LEU B 23 -8.70 -6.93 -8.60
CA LEU B 23 -8.18 -6.50 -9.90
C LEU B 23 -6.75 -6.97 -10.11
N LYS B 24 -5.87 -6.79 -9.13
CA LYS B 24 -4.47 -7.19 -9.34
C LYS B 24 -4.37 -8.70 -9.52
N ARG B 25 -5.23 -9.45 -8.85
CA ARG B 25 -5.21 -10.91 -9.01
C ARG B 25 -5.71 -11.31 -10.39
N ALA B 26 -6.71 -10.59 -10.92
CA ALA B 26 -7.14 -10.80 -12.29
C ALA B 26 -6.04 -10.48 -13.30
N GLU B 27 -5.24 -9.45 -13.02
CA GLU B 27 -4.13 -9.13 -13.91
C GLU B 27 -3.03 -10.17 -13.80
N GLU B 28 -2.94 -10.81 -12.63
CA GLU B 28 -1.98 -11.90 -12.44
C GLU B 28 -2.31 -13.08 -13.34
N GLU B 29 -3.61 -13.41 -13.47
CA GLU B 29 -4.06 -14.57 -14.25
C GLU B 29 -4.07 -14.23 -15.75
N ARG B 30 -2.89 -13.90 -16.26
CA ARG B 30 -2.67 -13.62 -17.69
C ARG B 30 -3.50 -12.45 -18.18
N GLY B 31 -3.72 -11.45 -17.33
CA GLY B 31 -4.52 -10.28 -17.69
C GLY B 31 -3.99 -9.44 -18.84
N ASP B 42 -9.63 -9.09 -22.90
CA ASP B 42 -8.45 -8.65 -22.15
C ASP B 42 -7.67 -7.58 -22.93
N TYR B 43 -6.45 -7.32 -22.45
CA TYR B 43 -5.70 -6.11 -22.78
C TYR B 43 -4.22 -6.46 -22.80
N ASP B 44 -3.38 -5.45 -23.03
CA ASP B 44 -1.94 -5.67 -23.07
C ASP B 44 -1.16 -5.12 -21.88
N TYR B 45 -1.64 -4.06 -21.22
CA TYR B 45 -0.96 -3.57 -20.03
C TYR B 45 -1.97 -2.97 -19.06
N LEU B 46 -1.77 -3.24 -17.77
CA LEU B 46 -2.45 -2.49 -16.72
C LEU B 46 -1.58 -1.28 -16.37
N ILE B 47 -2.06 -0.09 -16.72
CA ILE B 47 -1.41 1.17 -16.40
C ILE B 47 -2.17 1.79 -15.24
N LYS B 48 -1.45 2.25 -14.23
CA LYS B 48 -2.05 2.83 -13.05
C LYS B 48 -1.60 4.27 -12.94
N PHE B 49 -2.53 5.19 -12.70
CA PHE B 49 -2.08 6.49 -12.25
C PHE B 49 -3.02 7.01 -11.18
N LEU B 50 -2.68 8.18 -10.65
CA LEU B 50 -3.25 8.62 -9.39
C LEU B 50 -3.49 10.12 -9.43
N ALA B 51 -4.68 10.52 -9.03
CA ALA B 51 -5.04 11.93 -8.96
C ALA B 51 -4.90 12.44 -7.52
N LEU B 52 -4.29 13.60 -7.36
CA LEU B 52 -4.10 14.19 -6.04
C LEU B 52 -4.12 15.71 -6.14
N GLY B 53 -4.18 16.36 -4.98
CA GLY B 53 -4.37 17.79 -4.87
C GLY B 53 -5.26 18.12 -3.70
N ASP B 54 -5.38 19.41 -3.37
CA ASP B 54 -6.15 19.83 -2.21
C ASP B 54 -7.59 19.34 -2.32
N SER B 55 -8.25 19.24 -1.15
CA SER B 55 -9.64 18.83 -1.19
C SER B 55 -10.46 19.89 -1.91
N GLY B 56 -11.45 19.43 -2.68
CA GLY B 56 -12.34 20.33 -3.37
C GLY B 56 -11.90 20.83 -4.72
N VAL B 57 -10.70 20.48 -5.19
CA VAL B 57 -10.26 21.03 -6.46
C VAL B 57 -10.90 20.32 -7.65
N GLY B 58 -11.43 19.11 -7.47
CA GLY B 58 -12.21 18.45 -8.50
C GLY B 58 -11.61 17.15 -9.02
N LYS B 59 -10.82 16.46 -8.21
CA LYS B 59 -10.17 15.23 -8.68
C LYS B 59 -11.19 14.16 -9.00
N THR B 60 -12.14 13.95 -8.09
CA THR B 60 -13.18 12.96 -8.32
C THR B 60 -14.01 13.34 -9.54
N SER B 61 -14.30 14.63 -9.70
CA SER B 61 -15.11 15.12 -10.82
C SER B 61 -14.38 14.93 -12.13
N VAL B 62 -13.08 15.23 -12.16
CA VAL B 62 -12.32 15.10 -13.38
C VAL B 62 -12.34 13.66 -13.89
N LEU B 63 -12.15 12.69 -12.99
CA LEU B 63 -12.09 11.29 -13.41
C LEU B 63 -13.44 10.81 -13.88
N TYR B 64 -14.51 11.25 -13.22
CA TYR B 64 -15.87 10.85 -13.58
C TYR B 64 -16.26 11.40 -14.94
N GLN B 65 -15.90 12.66 -15.22
CA GLN B 65 -16.13 13.23 -16.53
C GLN B 65 -15.40 12.42 -17.61
N TYR B 66 -14.17 11.98 -17.29
CA TYR B 66 -13.38 11.24 -18.27
C TYR B 66 -13.96 9.85 -18.52
N THR B 67 -14.39 9.15 -17.46
CA THR B 67 -14.86 7.78 -17.65
C THR B 67 -16.31 7.74 -18.13
N ASP B 68 -17.15 8.67 -17.68
CA ASP B 68 -18.57 8.57 -17.96
C ASP B 68 -19.16 9.74 -18.75
N GLY B 69 -18.40 10.81 -18.96
CA GLY B 69 -18.94 11.99 -19.59
C GLY B 69 -20.00 12.72 -18.78
N LYS B 70 -19.98 12.60 -17.45
CA LYS B 70 -20.98 13.23 -16.60
C LYS B 70 -20.31 14.06 -15.51
N PHE B 71 -21.12 14.94 -14.91
CA PHE B 71 -20.67 15.90 -13.90
C PHE B 71 -21.78 16.07 -12.87
N ASN B 72 -21.40 16.08 -11.61
CA ASN B 72 -22.34 16.30 -10.51
CA ASN B 72 -22.35 16.31 -10.53
C ASN B 72 -21.94 17.58 -9.80
N SER B 73 -22.92 18.48 -9.63
CA SER B 73 -22.64 19.78 -9.00
C SER B 73 -22.37 19.65 -7.51
N LYS B 74 -22.91 18.62 -6.87
CA LYS B 74 -22.91 18.52 -5.42
C LYS B 74 -21.58 17.94 -4.91
N PHE B 75 -21.06 18.54 -3.86
CA PHE B 75 -19.75 18.15 -3.33
C PHE B 75 -19.89 16.91 -2.45
N ILE B 76 -19.37 15.78 -2.90
CA ILE B 76 -19.24 14.57 -2.07
C ILE B 76 -17.76 14.25 -1.92
N THR B 77 -17.18 14.74 -0.82
CA THR B 77 -15.77 14.53 -0.55
C THR B 77 -15.45 13.05 -0.49
N THR B 78 -14.27 12.68 -0.97
CA THR B 78 -13.90 11.28 -1.11
C THR B 78 -13.50 10.68 0.24
N VAL B 79 -14.02 9.49 0.54
CA VAL B 79 -13.73 8.81 1.79
C VAL B 79 -12.40 8.09 1.66
N GLY B 80 -11.31 8.84 1.82
CA GLY B 80 -9.97 8.29 1.77
C GLY B 80 -9.47 7.97 0.38
N ILE B 81 -9.98 6.90 -0.21
CA ILE B 81 -9.49 6.42 -1.49
C ILE B 81 -10.65 5.84 -2.29
N ASP B 82 -10.51 5.91 -3.59
CA ASP B 82 -11.35 5.16 -4.51
C ASP B 82 -10.55 5.02 -5.78
N PHE B 83 -11.11 4.27 -6.73
CA PHE B 83 -10.53 4.27 -8.07
C PHE B 83 -11.62 3.98 -9.09
N ARG B 84 -11.41 4.49 -10.30
CA ARG B 84 -12.19 4.14 -11.47
C ARG B 84 -11.34 3.36 -12.44
N GLU B 85 -12.00 2.78 -13.46
CA GLU B 85 -11.32 1.99 -14.48
C GLU B 85 -11.77 2.41 -15.86
N LYS B 86 -10.89 2.25 -16.84
CA LYS B 86 -11.27 2.55 -18.22
C LYS B 86 -10.41 1.74 -19.17
N ARG B 87 -11.06 1.09 -20.14
N ARG B 87 -11.07 1.10 -20.15
CA ARG B 87 -10.36 0.43 -21.24
CA ARG B 87 -10.38 0.43 -21.24
C ARG B 87 -10.25 1.42 -22.38
C ARG B 87 -10.25 1.40 -22.40
N VAL B 88 -9.03 1.70 -22.81
CA VAL B 88 -8.76 2.64 -23.87
C VAL B 88 -7.76 2.02 -24.83
N VAL B 89 -7.55 2.70 -25.96
CA VAL B 89 -6.62 2.28 -27.00
C VAL B 89 -5.55 3.35 -27.11
N TYR B 90 -4.29 2.94 -26.98
CA TYR B 90 -3.15 3.85 -27.00
C TYR B 90 -2.36 3.67 -28.29
N ARG B 91 -1.91 4.78 -28.86
CA ARG B 91 -1.09 4.78 -30.07
C ARG B 91 0.10 5.70 -29.88
N ALA B 92 1.31 5.15 -29.97
CA ALA B 92 2.54 5.88 -29.74
C ALA B 92 2.75 7.03 -30.75
N GLY B 100 -3.85 -1.64 -35.54
CA GLY B 100 -2.60 -1.12 -36.06
C GLY B 100 -1.59 -0.82 -34.98
N ARG B 101 -1.20 0.45 -34.87
CA ARG B 101 -0.29 0.90 -33.83
C ARG B 101 -0.97 1.03 -32.47
N GLY B 102 -2.24 0.60 -32.37
CA GLY B 102 -2.99 0.69 -31.14
C GLY B 102 -2.79 -0.47 -30.19
N GLN B 103 -2.51 -0.15 -28.92
CA GLN B 103 -2.40 -1.12 -27.85
C GLN B 103 -3.60 -1.00 -26.91
N ARG B 104 -4.06 -2.13 -26.41
CA ARG B 104 -5.20 -2.16 -25.50
C ARG B 104 -4.72 -1.89 -24.08
N ILE B 105 -5.18 -0.79 -23.49
CA ILE B 105 -4.72 -0.38 -22.16
C ILE B 105 -5.89 -0.44 -21.20
N HIS B 106 -5.70 -1.16 -20.09
CA HIS B 106 -6.62 -1.15 -18.97
C HIS B 106 -6.08 -0.15 -17.95
N LEU B 107 -6.79 0.97 -17.78
CA LEU B 107 -6.40 2.03 -16.88
C LEU B 107 -7.05 1.85 -15.51
N GLN B 108 -6.24 1.94 -14.45
CA GLN B 108 -6.72 2.09 -13.08
C GLN B 108 -6.50 3.54 -12.66
N LEU B 109 -7.58 4.23 -12.31
CA LEU B 109 -7.52 5.65 -12.01
C LEU B 109 -7.75 5.84 -10.51
N TRP B 110 -6.66 5.92 -9.75
CA TRP B 110 -6.75 6.14 -8.30
C TRP B 110 -7.24 7.54 -8.00
N ASP B 111 -8.10 7.65 -7.00
CA ASP B 111 -8.69 8.93 -6.60
C ASP B 111 -8.44 9.07 -5.10
N THR B 112 -7.59 10.03 -4.72
CA THR B 112 -7.25 10.21 -3.31
C THR B 112 -8.03 11.38 -2.71
N ALA B 113 -8.37 11.24 -1.43
CA ALA B 113 -8.91 12.36 -0.67
C ALA B 113 -7.83 13.40 -0.41
N GLY B 114 -8.20 14.68 -0.53
CA GLY B 114 -7.24 15.76 -0.35
C GLY B 114 -7.07 16.22 1.08
N LEU B 115 -8.04 15.93 1.96
CA LEU B 115 -7.99 16.45 3.32
C LEU B 115 -6.87 15.81 4.15
N GLU B 116 -6.23 16.63 4.98
CA GLU B 116 -5.08 16.19 5.77
C GLU B 116 -5.35 14.88 6.53
N ARG B 117 -6.57 14.73 7.06
CA ARG B 117 -6.92 13.55 7.85
C ARG B 117 -6.71 12.24 7.11
N PHE B 118 -6.61 12.26 5.78
CA PHE B 118 -6.39 11.06 5.00
C PHE B 118 -4.98 10.99 4.44
N ARG B 119 -4.11 11.90 4.88
CA ARG B 119 -2.80 12.05 4.27
C ARG B 119 -2.04 10.74 4.28
N SER B 120 -2.11 9.98 5.37
CA SER B 120 -1.28 8.77 5.48
C SER B 120 -1.87 7.62 4.70
N LEU B 121 -3.19 7.47 4.73
CA LEU B 121 -3.85 6.49 3.88
C LEU B 121 -3.53 6.74 2.41
N THR B 122 -3.72 7.98 1.95
CA THR B 122 -3.55 8.22 0.53
C THR B 122 -2.09 8.11 0.12
N THR B 123 -1.16 8.58 0.98
CA THR B 123 0.26 8.53 0.65
C THR B 123 0.75 7.10 0.47
N ALA B 124 0.12 6.14 1.14
CA ALA B 124 0.47 4.74 0.97
C ALA B 124 0.21 4.23 -0.45
N PHE B 125 -0.64 4.90 -1.22
CA PHE B 125 -0.96 4.44 -2.56
C PHE B 125 -0.15 5.13 -3.65
N PHE B 126 0.67 6.14 -3.31
CA PHE B 126 1.53 6.80 -4.30
C PHE B 126 2.42 5.79 -5.01
N ARG B 127 2.89 4.77 -4.29
CA ARG B 127 3.81 3.80 -4.87
C ARG B 127 3.15 2.91 -5.92
N ASP B 128 1.82 2.73 -5.86
CA ASP B 128 1.11 1.94 -6.86
C ASP B 128 0.95 2.68 -8.19
N ALA B 129 1.20 3.97 -8.24
CA ALA B 129 1.00 4.79 -9.42
C ALA B 129 2.23 4.81 -10.31
N MET B 130 2.00 4.77 -11.62
CA MET B 130 3.06 4.94 -12.62
C MET B 130 3.16 6.38 -13.12
N GLY B 131 2.22 7.23 -12.74
CA GLY B 131 2.22 8.65 -13.08
C GLY B 131 1.13 9.33 -12.26
N PHE B 132 1.19 10.65 -12.24
CA PHE B 132 0.31 11.40 -11.34
C PHE B 132 -0.40 12.53 -12.06
N LEU B 133 -1.68 12.66 -11.76
CA LEU B 133 -2.49 13.77 -12.25
C LEU B 133 -2.64 14.72 -11.08
N LEU B 134 -1.95 15.86 -11.14
CA LEU B 134 -1.91 16.79 -10.03
C LEU B 134 -2.81 17.97 -10.34
N LEU B 135 -3.74 18.26 -9.44
CA LEU B 135 -4.75 19.29 -9.66
C LEU B 135 -4.63 20.42 -8.67
N PHE B 136 -4.88 21.64 -9.17
CA PHE B 136 -5.32 22.75 -8.33
C PHE B 136 -6.60 23.32 -8.93
N ASP B 137 -7.15 24.31 -8.25
CA ASP B 137 -8.42 24.94 -8.55
C ASP B 137 -8.14 26.35 -9.04
N LEU B 138 -8.43 26.62 -10.32
CA LEU B 138 -8.20 27.94 -10.88
C LEU B 138 -8.89 29.05 -10.10
N THR B 139 -9.90 28.71 -9.28
CA THR B 139 -10.59 29.67 -8.44
C THR B 139 -10.11 29.67 -6.98
N ASN B 140 -9.09 28.91 -6.63
CA ASN B 140 -8.62 28.82 -5.24
C ASN B 140 -7.10 28.98 -5.24
N GLU B 141 -6.64 30.20 -4.92
CA GLU B 141 -5.21 30.48 -5.01
C GLU B 141 -4.40 29.65 -4.02
N GLN B 142 -4.94 29.42 -2.82
CA GLN B 142 -4.24 28.56 -1.86
C GLN B 142 -3.92 27.19 -2.46
N SER B 143 -4.85 26.66 -3.28
CA SER B 143 -4.64 25.32 -3.83
C SER B 143 -3.55 25.32 -4.90
N PHE B 144 -3.36 26.45 -5.57
CA PHE B 144 -2.24 26.58 -6.50
C PHE B 144 -0.91 26.75 -5.75
N LEU B 145 -0.91 27.53 -4.67
CA LEU B 145 0.31 27.69 -3.89
C LEU B 145 0.75 26.36 -3.30
N ASN B 146 -0.21 25.49 -2.98
CA ASN B 146 0.10 24.19 -2.40
C ASN B 146 0.71 23.23 -3.40
N VAL B 147 0.74 23.58 -4.69
CA VAL B 147 1.22 22.64 -5.72
C VAL B 147 2.67 22.21 -5.46
N ARG B 148 3.52 23.13 -5.01
N ARG B 148 3.53 23.15 -5.05
CA ARG B 148 4.93 22.76 -4.85
CA ARG B 148 4.93 22.85 -4.78
C ARG B 148 5.12 21.76 -3.71
C ARG B 148 5.06 21.75 -3.74
N ASN B 149 4.30 21.86 -2.66
CA ASN B 149 4.35 20.87 -1.58
C ASN B 149 3.91 19.50 -2.08
N TRP B 150 2.82 19.47 -2.85
CA TRP B 150 2.36 18.21 -3.42
C TRP B 150 3.45 17.57 -4.26
N ILE B 151 4.17 18.38 -5.03
CA ILE B 151 5.23 17.82 -5.87
C ILE B 151 6.32 17.23 -4.99
N SER B 152 6.61 17.90 -3.87
CA SER B 152 7.61 17.38 -2.94
C SER B 152 7.20 16.00 -2.43
N GLN B 153 5.96 15.87 -1.94
CA GLN B 153 5.49 14.58 -1.45
C GLN B 153 5.61 13.50 -2.50
N LEU B 154 5.34 13.83 -3.76
CA LEU B 154 5.47 12.84 -4.83
C LEU B 154 6.90 12.41 -4.99
N GLN B 155 7.82 13.38 -5.03
CA GLN B 155 9.22 13.04 -5.17
C GLN B 155 9.68 12.18 -4.00
N MET B 156 9.16 12.44 -2.81
CA MET B 156 9.59 11.70 -1.64
C MET B 156 8.96 10.32 -1.56
N HIS B 157 7.75 10.12 -2.12
CA HIS B 157 7.02 8.87 -1.94
C HIS B 157 6.73 8.09 -3.22
N ALA B 158 7.10 8.59 -4.40
CA ALA B 158 6.79 7.86 -5.62
C ALA B 158 7.69 6.63 -5.78
N TYR B 159 7.37 5.83 -6.78
CA TYR B 159 8.03 4.57 -7.04
C TYR B 159 9.52 4.80 -7.30
N CYS B 160 10.01 5.86 -8.12
CA CYS B 160 10.44 6.48 -9.35
C CYS B 160 10.90 7.89 -9.01
N GLU B 161 12.29 8.22 -8.92
CA GLU B 161 12.85 9.45 -8.34
C GLU B 161 12.26 10.72 -8.98
N ASN B 162 11.99 10.62 -10.29
CA ASN B 162 11.51 11.72 -11.11
C ASN B 162 10.21 11.25 -11.76
N PRO B 163 9.11 11.21 -11.02
CA PRO B 163 7.88 10.60 -11.54
C PRO B 163 7.21 11.51 -12.56
N ASP B 164 6.54 10.87 -13.53
CA ASP B 164 5.75 11.58 -14.51
C ASP B 164 4.57 12.28 -13.85
N ILE B 165 4.44 13.58 -14.08
CA ILE B 165 3.33 14.36 -13.53
C ILE B 165 2.71 15.19 -14.62
N VAL B 166 1.38 15.23 -14.65
CA VAL B 166 0.64 16.20 -15.47
C VAL B 166 -0.14 17.09 -14.52
N LEU B 167 0.06 18.41 -14.64
CA LEU B 167 -0.61 19.38 -13.80
C LEU B 167 -1.89 19.89 -14.47
N CYS B 168 -2.96 20.01 -13.69
CA CYS B 168 -4.24 20.49 -14.17
C CYS B 168 -4.74 21.64 -13.33
N GLY B 169 -4.98 22.79 -13.96
CA GLY B 169 -5.70 23.85 -13.31
C GLY B 169 -7.15 23.64 -13.68
N ASN B 170 -7.95 23.20 -12.73
CA ASN B 170 -9.31 22.72 -12.98
C ASN B 170 -10.32 23.83 -12.73
N LYS B 171 -11.56 23.57 -13.18
CA LYS B 171 -12.67 24.53 -13.07
C LYS B 171 -12.48 25.73 -14.01
N SER B 172 -11.99 25.48 -15.23
CA SER B 172 -11.81 26.55 -16.19
C SER B 172 -13.13 27.15 -16.68
N ASP B 173 -14.25 26.45 -16.47
CA ASP B 173 -15.56 26.97 -16.84
C ASP B 173 -16.00 28.10 -15.92
N LEU B 174 -15.35 28.26 -14.76
CA LEU B 174 -15.71 29.31 -13.80
C LEU B 174 -14.80 30.51 -13.99
N GLU B 175 -14.95 31.14 -15.16
CA GLU B 175 -13.98 32.14 -15.59
C GLU B 175 -14.04 33.41 -14.75
N ASP B 176 -15.21 33.76 -14.24
N ASP B 176 -15.20 33.78 -14.24
CA ASP B 176 -15.34 35.00 -13.50
CA ASP B 176 -15.30 35.02 -13.49
C ASP B 176 -14.94 34.85 -12.03
C ASP B 176 -14.96 34.85 -12.02
N GLN B 177 -14.58 33.64 -11.61
CA GLN B 177 -14.06 33.40 -10.28
C GLN B 177 -12.61 32.97 -10.32
N ARG B 178 -12.01 32.94 -11.50
CA ARG B 178 -10.60 32.63 -11.63
C ARG B 178 -9.75 33.58 -10.80
N VAL B 179 -8.78 33.04 -10.06
CA VAL B 179 -7.80 33.88 -9.39
C VAL B 179 -6.37 33.52 -9.76
N VAL B 180 -6.13 32.38 -10.38
CA VAL B 180 -4.80 32.01 -10.79
C VAL B 180 -4.61 32.40 -12.25
N LYS B 181 -3.56 33.15 -12.52
CA LYS B 181 -3.36 33.66 -13.88
C LYS B 181 -2.65 32.59 -14.70
N GLU B 182 -3.10 32.44 -15.94
CA GLU B 182 -2.59 31.36 -16.77
C GLU B 182 -1.07 31.43 -16.87
N GLU B 183 -0.53 32.64 -16.97
CA GLU B 183 0.91 32.81 -17.14
C GLU B 183 1.67 32.38 -15.89
N GLU B 184 1.13 32.68 -14.70
CA GLU B 184 1.76 32.19 -13.48
C GLU B 184 1.79 30.66 -13.47
N ALA B 185 0.68 30.04 -13.87
CA ALA B 185 0.61 28.59 -13.85
C ALA B 185 1.55 27.96 -14.87
N ILE B 186 1.57 28.51 -16.10
CA ILE B 186 2.48 28.03 -17.13
C ILE B 186 3.93 28.12 -16.66
N ALA B 187 4.26 29.22 -15.95
CA ALA B 187 5.61 29.42 -15.42
C ALA B 187 5.95 28.37 -14.36
N LEU B 188 5.02 28.09 -13.45
CA LEU B 188 5.30 27.07 -12.45
C LEU B 188 5.56 25.72 -13.11
N ALA B 189 4.69 25.34 -14.04
CA ALA B 189 4.83 24.06 -14.73
C ALA B 189 6.15 23.99 -15.48
N GLU B 190 6.55 25.11 -16.11
CA GLU B 190 7.82 25.18 -16.81
C GLU B 190 9.01 24.98 -15.85
N LYS B 191 8.96 25.59 -14.66
CA LYS B 191 10.06 25.41 -13.71
C LYS B 191 10.30 23.94 -13.38
N TYR B 192 9.26 23.11 -13.43
CA TYR B 192 9.40 21.70 -13.15
C TYR B 192 9.46 20.82 -14.38
N GLY B 193 9.28 21.38 -15.59
CA GLY B 193 9.22 20.54 -16.77
C GLY B 193 7.96 19.69 -16.83
N ILE B 194 6.86 20.17 -16.27
CA ILE B 194 5.62 19.41 -16.17
C ILE B 194 4.62 19.96 -17.18
N PRO B 195 3.95 19.12 -17.96
CA PRO B 195 2.88 19.63 -18.82
C PRO B 195 1.75 20.19 -17.99
N TYR B 196 1.12 21.25 -18.50
CA TYR B 196 0.03 21.92 -17.81
C TYR B 196 -1.16 22.02 -18.75
N PHE B 197 -2.34 21.71 -18.22
CA PHE B 197 -3.62 21.85 -18.93
C PHE B 197 -4.61 22.55 -18.02
N GLU B 198 -5.34 23.51 -18.58
CA GLU B 198 -6.49 24.07 -17.89
C GLU B 198 -7.71 23.24 -18.27
N THR B 199 -8.42 22.73 -17.25
CA THR B 199 -9.45 21.76 -17.49
C THR B 199 -10.76 22.20 -16.86
N SER B 200 -11.82 21.53 -17.31
CA SER B 200 -13.14 21.65 -16.69
C SER B 200 -13.75 20.27 -16.58
N ALA B 201 -14.01 19.81 -15.36
CA ALA B 201 -14.77 18.59 -15.18
C ALA B 201 -16.25 18.78 -15.49
N ALA B 202 -16.76 20.00 -15.40
CA ALA B 202 -18.18 20.21 -15.68
C ALA B 202 -18.46 20.06 -17.17
N ASN B 203 -17.62 20.61 -18.05
CA ASN B 203 -17.90 20.51 -19.48
C ASN B 203 -16.89 19.66 -20.24
N GLY B 204 -15.89 19.07 -19.58
CA GLY B 204 -15.00 18.13 -20.23
C GLY B 204 -13.79 18.72 -20.90
N THR B 205 -13.65 20.05 -20.93
CA THR B 205 -12.56 20.67 -21.67
C THR B 205 -11.19 20.21 -21.17
N ASN B 206 -10.37 19.70 -22.09
CA ASN B 206 -8.99 19.27 -21.90
C ASN B 206 -8.84 18.06 -20.97
N ILE B 207 -9.94 17.50 -20.47
CA ILE B 207 -9.87 16.32 -19.59
C ILE B 207 -9.18 15.16 -20.31
N SER B 208 -9.74 14.73 -21.43
CA SER B 208 -9.15 13.58 -22.13
C SER B 208 -7.74 13.91 -22.63
N GLN B 209 -7.48 15.17 -22.99
CA GLN B 209 -6.15 15.56 -23.45
C GLN B 209 -5.11 15.44 -22.32
N ALA B 210 -5.46 15.91 -21.13
CA ALA B 210 -4.50 15.85 -20.02
C ALA B 210 -4.18 14.42 -19.63
N ILE B 211 -5.19 13.54 -19.60
CA ILE B 211 -4.95 12.15 -19.21
C ILE B 211 -4.20 11.40 -20.30
N GLU B 212 -4.51 11.69 -21.56
CA GLU B 212 -3.78 11.02 -22.62
C GLU B 212 -2.32 11.48 -22.64
N MET B 213 -2.08 12.74 -22.27
CA MET B 213 -0.71 13.20 -22.14
C MET B 213 0.02 12.45 -21.02
N LEU B 214 -0.64 12.25 -19.88
CA LEU B 214 -0.02 11.47 -18.81
C LEU B 214 0.26 10.05 -19.28
N LEU B 215 -0.71 9.45 -19.97
CA LEU B 215 -0.56 8.08 -20.43
C LEU B 215 0.62 7.97 -21.40
N ASP B 216 0.75 8.93 -22.31
CA ASP B 216 1.85 8.94 -23.27
C ASP B 216 3.19 9.02 -22.55
N LEU B 217 3.28 9.88 -21.53
CA LEU B 217 4.51 9.98 -20.76
C LEU B 217 4.84 8.64 -20.11
N ILE B 218 3.83 7.93 -19.63
CA ILE B 218 4.05 6.66 -18.96
C ILE B 218 4.38 5.56 -19.97
N MET B 219 3.68 5.53 -21.11
CA MET B 219 3.97 4.54 -22.14
C MET B 219 5.35 4.74 -22.74
N LYS B 220 5.70 5.98 -23.07
CA LYS B 220 7.01 6.25 -23.65
C LYS B 220 8.12 5.85 -22.68
N ARG B 221 7.89 6.11 -21.39
CA ARG B 221 8.91 5.81 -20.39
C ARG B 221 9.18 4.31 -20.24
N MET B 222 8.14 3.47 -20.24
CA MET B 222 8.40 2.05 -20.07
C MET B 222 8.98 1.44 -21.35
N GLU B 223 8.69 2.03 -22.51
CA GLU B 223 9.31 1.59 -23.75
C GLU B 223 10.78 1.99 -23.86
N ARG B 224 11.27 2.84 -22.97
CA ARG B 224 12.69 3.09 -22.83
C ARG B 224 13.28 1.96 -22.01
N SER B 225 13.05 0.73 -22.46
CA SER B 225 13.47 -0.49 -21.78
C SER B 225 13.73 -1.60 -22.79
#